data_7N41
#
_entry.id   7N41
#
_cell.length_a   113.640
_cell.length_b   113.640
_cell.length_c   118.550
_cell.angle_alpha   90.000
_cell.angle_beta   90.000
_cell.angle_gamma   120.000
#
_symmetry.space_group_name_H-M   'P 31 2 1'
#
loop_
_entity.id
_entity.type
_entity.pdbx_description
1 polymer 'N-acetylglucosaminyldiphosphoundecaprenol N-acetyl-beta-D-mannosaminyltransferase'
2 non-polymer '(2R,3S,4R,5S,6R)-3-acetamido-4,5-dihydroxy-6-(hydroxymethyl)oxan-2-yl [(2R,3S,4R,5R)-5-(2,4-dioxo-3,4-dihydropyrimidin-1(2H)-yl)-3,4-dihydroxyoxolan-2-yl]methyl dihydrogen diphosphate (non-preferred name)'
#
_entity_poly.entity_id   1
_entity_poly.type   'polypeptide(L)'
_entity_poly.pdbx_seq_one_letter_code
;MERLDIFGVPIDRVTMIQAVDILNNFLQENRLHIVATPNAEIVMMAQKDKEYMEILNNTDLNVPDGSGIVFASKVFKKPL
PERVAGFDLMLEFIKGISSKGVKIYLLGAAAQVAEQARANLEKLYPGVKIVGTHHGYFTEEEENKIIEEINNKGAEVLFV
ALGAPKQEKWIYKNKDKLKVKIAMGVGGSFDVIAGKVKRAPYEYRKLGQEWKYRLEKEPWRYKRMMALPKFAIKVLLHKR
EVVR
;
_entity_poly.pdbx_strand_id   A,B,C
#
# COMPACT_ATOMS: atom_id res chain seq x y z
N GLU A 2 -10.54 -17.54 -4.80
CA GLU A 2 -10.42 -18.17 -3.49
C GLU A 2 -9.51 -17.32 -2.58
N ARG A 3 -8.45 -16.77 -3.17
CA ARG A 3 -7.38 -16.01 -2.51
C ARG A 3 -7.47 -14.52 -2.86
N LEU A 4 -6.69 -13.72 -2.12
CA LEU A 4 -6.63 -12.28 -2.28
C LEU A 4 -5.19 -11.84 -2.45
N ASP A 5 -4.93 -11.00 -3.44
CA ASP A 5 -3.59 -10.50 -3.73
C ASP A 5 -3.43 -9.23 -2.90
N ILE A 6 -2.65 -9.32 -1.83
CA ILE A 6 -2.36 -8.16 -1.03
C ILE A 6 -0.92 -7.71 -1.23
N PHE A 7 -0.71 -6.77 -2.14
CA PHE A 7 0.61 -6.21 -2.41
C PHE A 7 1.60 -7.30 -2.77
N GLY A 8 1.12 -8.27 -3.57
CA GLY A 8 1.93 -9.37 -4.06
C GLY A 8 1.75 -10.68 -3.32
N VAL A 9 1.28 -10.62 -2.08
CA VAL A 9 1.20 -11.77 -1.17
C VAL A 9 -0.19 -12.37 -1.22
N PRO A 10 -0.35 -13.60 -1.69
CA PRO A 10 -1.67 -14.27 -1.66
C PRO A 10 -2.12 -14.55 -0.24
N ILE A 11 -3.31 -14.10 0.12
CA ILE A 11 -3.94 -14.47 1.38
C ILE A 11 -5.18 -15.30 1.06
N ASP A 12 -5.25 -16.52 1.57
CA ASP A 12 -6.42 -17.36 1.32
C ASP A 12 -7.59 -16.82 2.16
N ARG A 13 -8.76 -16.63 1.52
CA ARG A 13 -9.93 -16.14 2.26
C ARG A 13 -10.50 -17.28 3.09
N VAL A 14 -9.93 -17.50 4.29
CA VAL A 14 -10.41 -18.58 5.13
C VAL A 14 -10.75 -18.12 6.54
N THR A 15 -11.68 -18.86 7.16
CA THR A 15 -11.99 -18.78 8.59
C THR A 15 -11.10 -19.77 9.36
N MET A 16 -11.10 -19.64 10.69
CA MET A 16 -10.34 -20.54 11.54
C MET A 16 -10.71 -21.99 11.25
N ILE A 17 -11.99 -22.24 11.00
CA ILE A 17 -12.47 -23.60 10.86
C ILE A 17 -12.20 -24.15 9.48
N GLN A 18 -12.28 -23.31 8.47
CA GLN A 18 -11.87 -23.76 7.14
C GLN A 18 -10.38 -24.00 7.09
N ALA A 19 -9.60 -23.15 7.76
CA ALA A 19 -8.16 -23.34 7.78
C ALA A 19 -7.79 -24.60 8.56
N VAL A 20 -8.51 -24.93 9.63
CA VAL A 20 -8.24 -26.20 10.30
C VAL A 20 -8.72 -27.37 9.44
N ASP A 21 -9.75 -27.17 8.62
CA ASP A 21 -10.24 -28.26 7.79
C ASP A 21 -9.33 -28.51 6.61
N ILE A 22 -8.84 -27.45 5.96
CA ILE A 22 -7.88 -27.57 4.87
C ILE A 22 -6.64 -28.32 5.34
N LEU A 23 -6.14 -27.98 6.54
CA LEU A 23 -4.95 -28.59 7.10
C LEU A 23 -5.19 -30.04 7.45
N ASN A 24 -6.41 -30.40 7.80
CA ASN A 24 -6.70 -31.81 8.05
C ASN A 24 -6.69 -32.57 6.73
N ASN A 25 -7.26 -32.01 5.67
CA ASN A 25 -7.17 -32.70 4.38
C ASN A 25 -5.74 -32.78 3.90
N PHE A 26 -4.86 -31.87 4.34
CA PHE A 26 -3.48 -31.92 3.90
C PHE A 26 -2.78 -33.14 4.46
N LEU A 27 -3.14 -33.54 5.66
CA LEU A 27 -2.49 -34.71 6.23
C LEU A 27 -2.83 -35.97 5.44
N GLN A 28 -3.90 -35.93 4.63
CA GLN A 28 -4.31 -37.07 3.82
C GLN A 28 -3.61 -37.13 2.48
N GLU A 29 -2.94 -36.05 2.04
CA GLU A 29 -2.20 -36.01 0.77
C GLU A 29 -0.71 -36.21 1.00
N ASN A 30 -0.12 -37.18 0.30
CA ASN A 30 1.28 -37.61 0.51
C ASN A 30 2.28 -36.73 -0.23
N ARG A 31 2.40 -35.48 0.22
CA ARG A 31 3.41 -34.55 -0.26
C ARG A 31 3.62 -33.50 0.81
N LEU A 32 4.71 -32.75 0.70
CA LEU A 32 4.99 -31.67 1.65
C LEU A 32 4.11 -30.46 1.32
N HIS A 33 3.40 -30.00 2.32
CA HIS A 33 2.62 -28.77 2.23
C HIS A 33 3.33 -27.74 3.09
N ILE A 34 3.44 -26.52 2.60
CA ILE A 34 4.05 -25.46 3.38
C ILE A 34 2.98 -24.46 3.73
N VAL A 35 2.69 -24.28 5.01
CA VAL A 35 1.69 -23.35 5.46
C VAL A 35 2.41 -22.16 6.10
N ALA A 36 1.94 -20.96 5.81
CA ALA A 36 2.46 -19.74 6.42
C ALA A 36 1.31 -18.94 6.99
N THR A 37 1.58 -18.13 8.00
CA THR A 37 0.54 -17.29 8.61
C THR A 37 0.94 -15.82 8.52
N PRO A 38 0.67 -15.14 7.39
CA PRO A 38 1.13 -13.74 7.21
C PRO A 38 0.22 -12.69 7.85
N ASN A 39 0.86 -11.68 8.37
CA ASN A 39 0.26 -10.53 8.98
C ASN A 39 0.73 -9.31 8.21
N ALA A 40 0.24 -8.13 8.57
CA ALA A 40 0.63 -6.93 7.83
C ALA A 40 2.13 -6.76 7.78
N GLU A 41 2.82 -7.04 8.90
CA GLU A 41 4.27 -6.83 9.00
C GLU A 41 5.04 -7.75 8.07
N ILE A 42 4.57 -8.98 7.88
CA ILE A 42 5.20 -9.87 6.91
C ILE A 42 5.02 -9.32 5.51
N VAL A 43 3.82 -8.86 5.16
CA VAL A 43 3.57 -8.31 3.83
C VAL A 43 4.47 -7.11 3.54
N MET A 44 4.76 -6.28 4.55
CA MET A 44 5.69 -5.18 4.35
C MET A 44 7.11 -5.71 4.13
N MET A 45 7.50 -6.75 4.88
CA MET A 45 8.78 -7.41 4.65
C MET A 45 8.87 -7.91 3.22
N ALA A 46 7.75 -8.41 2.73
CA ALA A 46 7.74 -9.06 1.43
C ALA A 46 8.14 -8.10 0.31
N GLN A 47 7.97 -6.80 0.55
CA GLN A 47 8.30 -5.79 -0.47
C GLN A 47 9.81 -5.59 -0.60
N LYS A 48 10.53 -5.56 0.50
CA LYS A 48 11.97 -5.42 0.43
C LYS A 48 12.66 -6.75 0.05
N ASP A 49 12.09 -7.90 0.43
CA ASP A 49 12.73 -9.21 0.25
C ASP A 49 12.25 -9.90 -1.02
N LYS A 50 13.10 -9.88 -2.07
CA LYS A 50 12.71 -10.47 -3.35
C LYS A 50 12.50 -11.97 -3.24
N GLU A 51 13.27 -12.66 -2.41
CA GLU A 51 13.18 -14.11 -2.29
C GLU A 51 11.98 -14.54 -1.45
N TYR A 52 11.73 -13.81 -0.36
CA TYR A 52 10.61 -14.10 0.53
C TYR A 52 9.29 -14.00 -0.22
N MET A 53 9.17 -13.05 -1.12
CA MET A 53 7.96 -12.97 -1.94
C MET A 53 7.81 -14.20 -2.84
N GLU A 54 8.91 -14.66 -3.45
CA GLU A 54 8.80 -15.86 -4.26
C GLU A 54 8.27 -16.99 -3.42
N ILE A 55 8.70 -17.06 -2.15
CA ILE A 55 8.31 -18.15 -1.26
C ILE A 55 6.83 -18.07 -0.91
N LEU A 56 6.32 -16.85 -0.64
CA LEU A 56 4.96 -16.71 -0.18
C LEU A 56 3.98 -17.02 -1.29
N ASN A 57 4.44 -17.07 -2.53
CA ASN A 57 3.59 -17.47 -3.64
C ASN A 57 3.63 -18.95 -3.97
N ASN A 58 4.54 -19.72 -3.39
CA ASN A 58 4.55 -21.17 -3.58
C ASN A 58 4.16 -21.92 -2.32
N THR A 59 3.63 -21.24 -1.32
CA THR A 59 3.12 -22.02 -0.20
C THR A 59 1.75 -22.60 -0.57
N ASP A 60 1.37 -23.64 0.15
CA ASP A 60 0.10 -24.29 -0.08
C ASP A 60 -1.02 -23.55 0.62
N LEU A 61 -0.72 -22.82 1.69
CA LEU A 61 -1.74 -22.11 2.43
C LEU A 61 -1.12 -20.90 3.10
N ASN A 62 -1.67 -19.73 2.86
CA ASN A 62 -1.26 -18.48 3.50
C ASN A 62 -2.44 -18.01 4.31
N VAL A 63 -2.41 -18.22 5.61
CA VAL A 63 -3.55 -17.97 6.49
C VAL A 63 -3.39 -16.58 7.10
N PRO A 64 -4.41 -15.72 7.02
CA PRO A 64 -4.30 -14.33 7.47
C PRO A 64 -4.14 -14.19 8.97
N ASP A 65 -2.96 -13.79 9.43
CA ASP A 65 -2.70 -13.71 10.86
C ASP A 65 -3.02 -12.30 11.34
N GLY A 66 -3.96 -12.19 12.27
CA GLY A 66 -4.09 -10.94 12.96
C GLY A 66 -5.26 -10.13 12.46
N SER A 67 -5.65 -9.14 13.28
CA SER A 67 -6.73 -8.21 12.98
C SER A 67 -6.29 -7.09 12.03
N GLY A 68 -5.00 -6.74 12.05
CA GLY A 68 -4.54 -5.68 11.18
C GLY A 68 -4.67 -6.04 9.70
N ILE A 69 -4.27 -7.26 9.33
CA ILE A 69 -4.34 -7.63 7.93
C ILE A 69 -5.76 -7.78 7.43
N VAL A 70 -6.71 -8.09 8.32
CA VAL A 70 -8.11 -8.15 7.91
C VAL A 70 -8.62 -6.75 7.57
N PHE A 71 -8.17 -5.77 8.35
CA PHE A 71 -8.46 -4.35 8.09
C PHE A 71 -8.02 -3.93 6.69
N ALA A 72 -6.80 -4.30 6.30
CA ALA A 72 -6.35 -3.98 4.94
C ALA A 72 -7.25 -4.60 3.89
N SER A 73 -7.80 -5.78 4.16
CA SER A 73 -8.65 -6.42 3.17
C SER A 73 -9.96 -5.66 2.95
N LYS A 74 -10.27 -4.64 3.76
CA LYS A 74 -11.52 -3.92 3.54
C LYS A 74 -11.52 -3.15 2.22
N VAL A 75 -10.38 -3.07 1.53
CA VAL A 75 -10.35 -2.45 0.20
C VAL A 75 -10.85 -3.40 -0.91
N PHE A 76 -10.86 -4.71 -0.68
CA PHE A 76 -11.22 -5.70 -1.71
C PHE A 76 -12.72 -5.99 -1.71
N LYS A 77 -13.21 -6.48 -2.85
CA LYS A 77 -14.64 -6.72 -3.02
C LYS A 77 -15.19 -7.65 -1.95
N LYS A 78 -14.61 -8.84 -1.81
CA LYS A 78 -14.98 -9.82 -0.78
C LYS A 78 -13.88 -9.81 0.28
N PRO A 79 -13.95 -8.97 1.30
CA PRO A 79 -12.84 -8.90 2.27
C PRO A 79 -12.70 -10.20 3.07
N LEU A 80 -11.60 -10.30 3.80
CA LEU A 80 -11.35 -11.53 4.58
C LEU A 80 -12.44 -11.70 5.62
N PRO A 81 -12.99 -12.93 5.77
CA PRO A 81 -14.17 -13.11 6.64
C PRO A 81 -13.94 -12.83 8.11
N GLU A 82 -12.89 -13.38 8.75
CA GLU A 82 -12.79 -13.25 10.19
C GLU A 82 -11.35 -13.06 10.66
N ARG A 83 -11.22 -12.61 11.91
CA ARG A 83 -9.93 -12.48 12.59
C ARG A 83 -9.44 -13.89 12.92
N VAL A 84 -8.38 -14.34 12.28
CA VAL A 84 -7.71 -15.58 12.67
C VAL A 84 -6.39 -15.19 13.29
N ALA A 85 -6.12 -15.71 14.48
CA ALA A 85 -4.79 -15.58 15.07
C ALA A 85 -3.97 -16.83 14.72
N GLY A 86 -2.75 -16.64 14.22
CA GLY A 86 -1.95 -17.78 13.78
C GLY A 86 -1.61 -18.75 14.88
N PHE A 87 -1.53 -18.25 16.11
CA PHE A 87 -1.29 -19.09 17.28
C PHE A 87 -2.53 -19.91 17.63
N ASP A 88 -3.69 -19.28 17.52
CA ASP A 88 -4.94 -20.01 17.74
C ASP A 88 -5.04 -21.13 16.71
N LEU A 89 -4.72 -20.82 15.45
CA LEU A 89 -4.72 -21.84 14.40
C LEU A 89 -3.81 -23.01 14.74
N MET A 90 -2.65 -22.73 15.33
CA MET A 90 -1.75 -23.80 15.69
C MET A 90 -2.33 -24.67 16.79
N LEU A 91 -2.99 -24.04 17.77
CA LEU A 91 -3.48 -24.78 18.94
C LEU A 91 -4.78 -25.51 18.64
N GLU A 92 -5.72 -24.86 17.96
CA GLU A 92 -6.92 -25.57 17.53
C GLU A 92 -6.57 -26.78 16.65
N PHE A 93 -5.46 -26.68 15.91
CA PHE A 93 -5.01 -27.78 15.05
C PHE A 93 -4.46 -28.94 15.86
N ILE A 94 -3.66 -28.65 16.89
CA ILE A 94 -3.13 -29.74 17.73
C ILE A 94 -4.25 -30.39 18.54
N LYS A 95 -5.29 -29.64 18.92
CA LYS A 95 -6.46 -30.21 19.59
C LYS A 95 -7.07 -31.33 18.76
N GLY A 96 -7.23 -31.11 17.46
CA GLY A 96 -7.92 -32.09 16.65
C GLY A 96 -7.12 -33.36 16.40
N ILE A 97 -5.84 -33.22 16.05
CA ILE A 97 -5.05 -34.40 15.74
C ILE A 97 -4.58 -35.15 16.97
N SER A 98 -4.65 -34.57 18.16
CA SER A 98 -4.06 -35.21 19.35
C SER A 98 -4.82 -36.45 19.82
N SER A 99 -6.09 -36.58 19.48
CA SER A 99 -6.74 -37.87 19.70
C SER A 99 -6.29 -38.88 18.65
N LYS A 100 -6.24 -38.47 17.39
CA LYS A 100 -5.93 -39.38 16.31
C LYS A 100 -4.45 -39.81 16.24
N GLY A 101 -3.59 -39.36 17.17
CA GLY A 101 -2.20 -39.78 17.24
C GLY A 101 -1.30 -39.42 16.06
N VAL A 102 -1.40 -38.19 15.54
CA VAL A 102 -0.54 -37.74 14.43
C VAL A 102 0.76 -37.20 15.01
N LYS A 103 1.88 -37.66 14.47
CA LYS A 103 3.18 -37.36 15.07
C LYS A 103 3.66 -35.94 14.75
N ILE A 104 4.07 -35.21 15.77
CA ILE A 104 4.43 -33.81 15.68
C ILE A 104 5.89 -33.63 16.09
N TYR A 105 6.64 -32.89 15.31
CA TYR A 105 8.00 -32.52 15.69
C TYR A 105 8.09 -31.01 15.84
N LEU A 106 8.83 -30.57 16.85
CA LEU A 106 9.00 -29.16 17.18
C LEU A 106 10.45 -28.76 16.99
N LEU A 107 10.76 -28.04 15.93
CA LEU A 107 12.10 -27.52 15.73
C LEU A 107 12.08 -26.01 15.99
N GLY A 108 12.95 -25.52 16.86
CA GLY A 108 13.12 -24.09 17.04
C GLY A 108 13.28 -23.68 18.50
N ALA A 109 13.27 -22.36 18.71
CA ALA A 109 13.32 -21.70 20.02
C ALA A 109 14.68 -21.85 20.71
N ALA A 110 14.97 -21.00 21.72
CA ALA A 110 16.26 -21.02 22.40
C ALA A 110 16.42 -22.33 23.18
N ALA A 111 17.63 -22.53 23.72
CA ALA A 111 17.97 -23.85 24.24
C ALA A 111 17.00 -24.26 25.34
N GLN A 112 16.49 -25.48 25.23
CA GLN A 112 15.51 -26.08 26.16
C GLN A 112 14.15 -25.41 26.13
N VAL A 113 13.91 -24.46 25.23
CA VAL A 113 12.59 -23.86 25.15
C VAL A 113 11.64 -24.77 24.41
N ALA A 114 12.11 -25.39 23.32
CA ALA A 114 11.26 -26.30 22.57
C ALA A 114 10.86 -27.51 23.41
N GLU A 115 11.73 -27.92 24.34
CA GLU A 115 11.40 -29.04 25.22
C GLU A 115 10.34 -28.70 26.25
N GLN A 116 10.30 -27.45 26.73
CA GLN A 116 9.27 -27.09 27.70
C GLN A 116 7.91 -26.96 27.05
N ALA A 117 7.86 -26.46 25.81
CA ALA A 117 6.59 -26.33 25.13
C ALA A 117 5.97 -27.69 24.82
N ARG A 118 6.82 -28.70 24.62
CA ARG A 118 6.35 -30.07 24.44
C ARG A 118 5.61 -30.56 25.66
N ALA A 119 6.13 -30.24 26.84
CA ALA A 119 5.52 -30.72 28.07
C ALA A 119 4.13 -30.12 28.28
N ASN A 120 3.98 -28.80 28.11
CA ASN A 120 2.70 -28.17 28.42
C ASN A 120 1.63 -28.60 27.43
N LEU A 121 2.03 -28.89 26.19
CA LEU A 121 1.08 -29.35 25.17
C LEU A 121 0.58 -30.75 25.49
N GLU A 122 1.47 -31.61 25.99
CA GLU A 122 1.05 -32.95 26.37
C GLU A 122 0.05 -32.92 27.52
N LYS A 123 0.00 -31.84 28.28
CA LYS A 123 -1.04 -31.75 29.29
C LYS A 123 -2.33 -31.19 28.68
N LEU A 124 -2.26 -30.00 28.08
CA LEU A 124 -3.46 -29.36 27.57
C LEU A 124 -4.23 -30.26 26.60
N TYR A 125 -3.52 -30.95 25.70
CA TYR A 125 -4.11 -31.84 24.70
C TYR A 125 -3.59 -33.25 24.93
N PRO A 126 -4.26 -34.04 25.76
CA PRO A 126 -3.64 -35.28 26.22
C PRO A 126 -3.69 -36.36 25.16
N GLY A 127 -2.66 -37.18 25.16
CA GLY A 127 -2.45 -38.21 24.15
C GLY A 127 -1.83 -37.72 22.86
N VAL A 128 -1.29 -36.50 22.85
CA VAL A 128 -0.68 -35.94 21.66
C VAL A 128 0.72 -36.52 21.49
N LYS A 129 1.02 -36.97 20.28
CA LYS A 129 2.29 -37.64 20.00
C LYS A 129 3.26 -36.60 19.47
N ILE A 130 4.16 -36.13 20.33
CA ILE A 130 5.22 -35.22 19.89
C ILE A 130 6.50 -36.03 19.92
N VAL A 131 6.94 -36.43 18.72
CA VAL A 131 8.01 -37.40 18.56
C VAL A 131 9.42 -36.83 18.74
N GLY A 132 9.62 -35.52 18.65
CA GLY A 132 10.96 -34.98 18.81
C GLY A 132 10.93 -33.48 18.86
N THR A 133 12.02 -32.90 19.37
CA THR A 133 12.22 -31.45 19.43
C THR A 133 13.70 -31.15 19.23
N HIS A 134 14.02 -29.90 18.91
CA HIS A 134 15.40 -29.44 18.84
C HIS A 134 15.43 -27.92 18.85
N HIS A 135 16.47 -27.33 19.45
CA HIS A 135 16.51 -25.87 19.56
C HIS A 135 16.72 -25.25 18.16
N GLY A 136 16.57 -23.93 18.07
CA GLY A 136 16.60 -23.29 16.77
C GLY A 136 17.94 -22.72 16.35
N TYR A 137 19.01 -23.17 17.02
CA TYR A 137 20.37 -22.66 16.86
C TYR A 137 21.33 -23.79 16.53
N PHE A 138 21.29 -24.30 15.29
CA PHE A 138 22.10 -25.44 14.88
C PHE A 138 23.00 -25.10 13.70
N THR A 139 23.93 -26.01 13.41
CA THR A 139 24.91 -25.85 12.32
C THR A 139 24.48 -26.62 11.08
N GLU A 140 25.14 -26.33 9.96
CA GLU A 140 24.89 -27.10 8.74
C GLU A 140 25.13 -28.58 8.96
N GLU A 141 26.07 -28.93 9.85
CA GLU A 141 26.26 -30.33 10.18
C GLU A 141 25.06 -30.83 10.96
N GLU A 142 24.62 -30.03 11.93
CA GLU A 142 23.47 -30.38 12.77
C GLU A 142 22.17 -30.49 11.98
N GLU A 143 21.93 -29.55 11.07
CA GLU A 143 20.74 -29.57 10.22
C GLU A 143 20.51 -30.96 9.62
N ASN A 144 21.54 -31.55 9.03
CA ASN A 144 21.37 -32.87 8.45
C ASN A 144 20.96 -33.87 9.51
N LYS A 145 21.49 -33.72 10.72
CA LYS A 145 21.10 -34.64 11.78
C LYS A 145 19.66 -34.42 12.18
N ILE A 146 19.23 -33.17 12.24
CA ILE A 146 17.87 -32.86 12.68
C ILE A 146 16.86 -33.36 11.66
N ILE A 147 17.07 -33.02 10.38
CA ILE A 147 16.20 -33.47 9.32
C ILE A 147 16.14 -34.99 9.28
N GLU A 148 17.28 -35.64 9.48
CA GLU A 148 17.28 -37.10 9.53
C GLU A 148 16.38 -37.61 10.63
N GLU A 149 16.39 -36.95 11.79
CA GLU A 149 15.50 -37.33 12.86
C GLU A 149 14.04 -37.05 12.51
N ILE A 150 13.79 -35.89 11.90
CA ILE A 150 12.41 -35.53 11.58
C ILE A 150 11.83 -36.57 10.65
N ASN A 151 12.59 -36.97 9.64
CA ASN A 151 12.10 -37.94 8.67
C ASN A 151 12.00 -39.34 9.29
N ASN A 152 13.04 -39.77 10.01
CA ASN A 152 13.08 -41.14 10.51
C ASN A 152 12.09 -41.39 11.63
N LYS A 153 11.78 -40.39 12.43
CA LYS A 153 10.75 -40.58 13.44
C LYS A 153 9.34 -40.55 12.86
N GLY A 154 9.20 -40.40 11.56
CA GLY A 154 7.88 -40.48 10.97
C GLY A 154 6.95 -39.38 11.43
N ALA A 155 7.48 -38.18 11.54
CA ALA A 155 6.68 -37.02 11.92
C ALA A 155 5.82 -36.61 10.75
N GLU A 156 4.55 -36.35 10.99
CA GLU A 156 3.75 -35.76 9.93
C GLU A 156 3.64 -34.26 10.00
N VAL A 157 3.86 -33.67 11.15
CA VAL A 157 3.68 -32.24 11.27
C VAL A 157 4.92 -31.63 11.87
N LEU A 158 5.48 -30.66 11.17
CA LEU A 158 6.69 -29.98 11.61
C LEU A 158 6.28 -28.55 11.93
N PHE A 159 6.52 -28.13 13.16
CA PHE A 159 6.25 -26.77 13.57
C PHE A 159 7.58 -26.11 13.69
N VAL A 160 7.90 -25.21 12.77
CA VAL A 160 9.16 -24.48 12.78
C VAL A 160 8.94 -23.12 13.42
N ALA A 161 9.64 -22.85 14.51
CA ALA A 161 9.56 -21.61 15.25
C ALA A 161 10.93 -20.92 15.18
N LEU A 162 11.21 -20.30 14.04
CA LEU A 162 12.43 -19.52 13.84
C LEU A 162 12.17 -18.04 13.58
N GLY A 163 10.91 -17.60 13.55
CA GLY A 163 10.65 -16.22 13.27
C GLY A 163 10.55 -15.93 11.78
N ALA A 164 9.99 -14.74 11.46
CA ALA A 164 9.90 -14.39 10.05
C ALA A 164 11.10 -13.55 9.62
N PRO A 165 11.63 -13.78 8.41
CA PRO A 165 11.17 -14.81 7.49
C PRO A 165 12.01 -16.09 7.56
N LYS A 166 12.85 -16.24 8.58
CA LYS A 166 13.77 -17.37 8.62
C LYS A 166 13.03 -18.69 8.51
N GLN A 167 11.87 -18.81 9.18
CA GLN A 167 11.19 -20.09 9.27
C GLN A 167 10.67 -20.48 7.91
N GLU A 168 10.04 -19.52 7.21
CA GLU A 168 9.51 -19.77 5.89
C GLU A 168 10.62 -20.05 4.88
N LYS A 169 11.82 -19.48 5.08
CA LYS A 169 12.94 -19.73 4.16
C LYS A 169 13.62 -21.06 4.41
N TRP A 170 13.72 -21.50 5.68
CA TRP A 170 14.38 -22.76 6.02
C TRP A 170 13.57 -23.94 5.50
N ILE A 171 12.26 -23.86 5.66
CA ILE A 171 11.39 -24.87 5.09
C ILE A 171 11.59 -24.95 3.58
N TYR A 172 11.57 -23.80 2.89
CA TYR A 172 11.58 -23.85 1.42
C TYR A 172 12.88 -24.42 0.88
N LYS A 173 14.01 -24.17 1.56
CA LYS A 173 15.28 -24.76 1.15
C LYS A 173 15.24 -26.27 1.27
N ASN A 174 14.73 -26.75 2.40
CA ASN A 174 14.65 -28.18 2.64
C ASN A 174 13.33 -28.78 2.22
N LYS A 175 12.62 -28.15 1.29
CA LYS A 175 11.33 -28.65 0.91
C LYS A 175 11.46 -29.98 0.22
N ASP A 176 12.67 -30.30 -0.23
CA ASP A 176 12.84 -31.58 -0.88
C ASP A 176 13.49 -32.61 0.01
N LYS A 177 14.21 -32.17 1.05
CA LYS A 177 14.78 -33.06 2.07
C LYS A 177 13.77 -33.53 3.10
N LEU A 178 12.73 -32.76 3.38
CA LEU A 178 11.77 -33.09 4.43
C LEU A 178 10.67 -34.00 3.92
N LYS A 179 10.34 -34.99 4.73
CA LYS A 179 9.31 -35.96 4.42
C LYS A 179 8.16 -35.83 5.40
N VAL A 180 7.62 -34.63 5.59
CA VAL A 180 6.45 -34.47 6.43
C VAL A 180 5.34 -33.95 5.55
N LYS A 181 4.10 -33.94 6.07
CA LYS A 181 2.96 -33.50 5.26
C LYS A 181 2.69 -32.01 5.39
N ILE A 182 2.86 -31.46 6.60
CA ILE A 182 2.69 -30.05 6.89
C ILE A 182 3.93 -29.54 7.57
N ALA A 183 4.57 -28.53 7.00
CA ALA A 183 5.66 -27.81 7.65
C ALA A 183 5.18 -26.37 7.77
N MET A 184 4.90 -25.92 9.00
CA MET A 184 4.28 -24.61 9.25
C MET A 184 5.21 -23.77 10.11
N GLY A 185 5.70 -22.66 9.56
CA GLY A 185 6.38 -21.69 10.39
C GLY A 185 5.40 -21.08 11.37
N VAL A 186 5.79 -21.05 12.65
CA VAL A 186 4.90 -20.63 13.72
C VAL A 186 5.64 -19.75 14.70
N GLY A 187 6.56 -18.94 14.18
CA GLY A 187 7.59 -18.29 14.97
C GLY A 187 7.19 -17.77 16.32
N GLY A 188 8.02 -18.00 17.33
CA GLY A 188 7.81 -17.50 18.65
C GLY A 188 6.67 -18.10 19.44
N SER A 189 5.81 -18.94 18.85
CA SER A 189 4.77 -19.56 19.66
C SER A 189 5.31 -20.59 20.65
N PHE A 190 6.55 -21.04 20.49
CA PHE A 190 7.13 -21.92 21.49
C PHE A 190 7.38 -21.14 22.78
N ASP A 191 7.84 -19.89 22.64
CA ASP A 191 8.13 -19.06 23.80
C ASP A 191 6.86 -18.84 24.61
N VAL A 192 5.73 -18.72 23.92
CA VAL A 192 4.45 -18.46 24.56
C VAL A 192 3.96 -19.69 25.30
N ILE A 193 4.07 -20.85 24.68
CA ILE A 193 3.55 -22.08 25.27
C ILE A 193 4.41 -22.50 26.45
N ALA A 194 5.73 -22.32 26.35
CA ALA A 194 6.62 -22.61 27.46
C ALA A 194 6.50 -21.62 28.63
N GLY A 195 5.67 -20.58 28.54
CA GLY A 195 5.52 -19.65 29.64
C GLY A 195 6.68 -18.70 29.79
N LYS A 196 7.66 -18.76 28.89
CA LYS A 196 8.78 -17.81 28.93
C LYS A 196 8.31 -16.40 28.54
N VAL A 197 7.28 -16.30 27.70
CA VAL A 197 6.82 -15.03 27.16
C VAL A 197 5.29 -14.90 27.27
N GLU B 2 11.50 3.64 19.48
CA GLU B 2 10.78 2.59 18.78
C GLU B 2 10.21 3.12 17.44
N ARG B 3 10.50 2.43 16.33
CA ARG B 3 10.16 2.85 14.97
C ARG B 3 9.09 1.99 14.33
N LEU B 4 8.60 2.46 13.17
CA LEU B 4 7.58 1.80 12.37
C LEU B 4 7.86 1.99 10.87
N ASP B 5 7.82 0.90 10.08
CA ASP B 5 8.04 0.93 8.62
C ASP B 5 6.73 0.99 7.83
N ILE B 6 6.41 2.14 7.25
CA ILE B 6 5.22 2.26 6.40
C ILE B 6 5.69 2.31 4.96
N PHE B 7 5.59 1.16 4.29
CA PHE B 7 5.88 1.02 2.87
C PHE B 7 7.26 1.55 2.52
N GLY B 8 8.24 1.24 3.37
CA GLY B 8 9.60 1.64 3.16
C GLY B 8 10.04 2.82 3.98
N VAL B 9 9.10 3.61 4.50
CA VAL B 9 9.41 4.85 5.20
C VAL B 9 9.44 4.59 6.71
N PRO B 10 10.57 4.75 7.37
CA PRO B 10 10.63 4.60 8.83
C PRO B 10 9.86 5.71 9.52
N ILE B 11 8.83 5.36 10.27
CA ILE B 11 8.03 6.32 11.02
C ILE B 11 8.29 6.12 12.50
N ASP B 12 8.79 7.17 13.16
CA ASP B 12 9.04 7.07 14.59
C ASP B 12 7.72 7.18 15.33
N ARG B 13 7.44 6.18 16.17
CA ARG B 13 6.22 6.07 16.97
C ARG B 13 6.36 7.02 18.16
N VAL B 14 6.05 8.30 17.94
CA VAL B 14 6.14 9.30 18.98
C VAL B 14 4.82 10.02 19.07
N THR B 15 4.52 10.52 20.25
CA THR B 15 3.45 11.47 20.45
C THR B 15 3.98 12.89 20.32
N MET B 16 3.06 13.85 20.35
CA MET B 16 3.44 15.25 20.22
C MET B 16 4.56 15.64 21.15
N ILE B 17 4.44 15.32 22.43
CA ILE B 17 5.44 15.82 23.36
C ILE B 17 6.67 14.91 23.35
N GLN B 18 6.50 13.63 23.06
CA GLN B 18 7.67 12.78 22.92
C GLN B 18 8.54 13.27 21.78
N ALA B 19 7.90 13.71 20.70
CA ALA B 19 8.62 14.23 19.55
C ALA B 19 9.22 15.60 19.83
N VAL B 20 8.56 16.42 20.65
CA VAL B 20 9.16 17.70 20.97
C VAL B 20 10.45 17.48 21.75
N ASP B 21 10.49 16.40 22.54
CA ASP B 21 11.65 16.10 23.37
C ASP B 21 12.82 15.57 22.55
N ILE B 22 12.55 14.69 21.59
CA ILE B 22 13.61 14.25 20.69
C ILE B 22 14.28 15.44 20.04
N LEU B 23 13.49 16.46 19.69
CA LEU B 23 14.03 17.63 19.04
C LEU B 23 14.91 18.46 19.97
N ASN B 24 14.65 18.44 21.27
CA ASN B 24 15.52 19.14 22.20
C ASN B 24 16.85 18.41 22.33
N ASN B 25 16.80 17.09 22.48
CA ASN B 25 18.00 16.29 22.63
C ASN B 25 18.90 16.39 21.41
N PHE B 26 18.36 16.84 20.28
CA PHE B 26 19.13 17.13 19.07
C PHE B 26 19.96 18.39 19.24
N LEU B 27 19.46 19.36 20.02
CA LEU B 27 20.19 20.59 20.23
C LEU B 27 21.47 20.36 21.03
N GLN B 28 21.57 19.20 21.69
CA GLN B 28 22.72 18.86 22.52
C GLN B 28 23.87 18.21 21.75
N GLU B 29 23.62 17.62 20.58
CA GLU B 29 24.70 17.05 19.75
C GLU B 29 25.00 18.03 18.64
N ASN B 30 26.25 18.47 18.55
CA ASN B 30 26.63 19.54 17.63
C ASN B 30 26.92 18.97 16.24
N ARG B 31 25.84 18.53 15.58
CA ARG B 31 25.88 18.08 14.20
C ARG B 31 24.53 18.37 13.56
N LEU B 32 24.49 18.26 12.23
CA LEU B 32 23.28 18.54 11.48
C LEU B 32 22.28 17.40 11.64
N HIS B 33 21.11 17.71 12.18
CA HIS B 33 20.00 16.76 12.28
C HIS B 33 18.95 17.13 11.25
N ILE B 34 18.35 16.13 10.63
CA ILE B 34 17.29 16.35 9.64
C ILE B 34 16.01 15.72 10.18
N VAL B 35 15.00 16.55 10.44
CA VAL B 35 13.71 16.08 10.95
C VAL B 35 12.68 16.25 9.85
N ALA B 36 11.89 15.21 9.62
CA ALA B 36 10.84 15.26 8.63
C ALA B 36 9.54 14.85 9.29
N THR B 37 8.44 15.34 8.74
CA THR B 37 7.10 15.03 9.24
C THR B 37 6.27 14.46 8.09
N PRO B 38 6.36 13.14 7.84
CA PRO B 38 5.69 12.50 6.69
C PRO B 38 4.24 12.10 6.92
N ASN B 39 3.44 12.23 5.87
CA ASN B 39 2.02 11.89 5.84
C ASN B 39 1.75 10.86 4.77
N ALA B 40 0.49 10.45 4.64
CA ALA B 40 0.12 9.45 3.64
C ALA B 40 0.60 9.86 2.25
N GLU B 41 0.43 11.13 1.90
CA GLU B 41 0.79 11.59 0.56
C GLU B 41 2.30 11.54 0.35
N ILE B 42 3.09 11.85 1.38
CA ILE B 42 4.55 11.75 1.25
C ILE B 42 4.99 10.30 1.02
N VAL B 43 4.44 9.36 1.79
CA VAL B 43 4.80 7.94 1.63
C VAL B 43 4.50 7.46 0.22
N MET B 44 3.40 7.95 -0.37
CA MET B 44 3.09 7.57 -1.73
C MET B 44 4.11 8.11 -2.71
N MET B 45 4.61 9.33 -2.46
CA MET B 45 5.67 9.90 -3.27
C MET B 45 6.90 9.03 -3.23
N ALA B 46 7.24 8.54 -2.04
CA ALA B 46 8.49 7.83 -1.87
C ALA B 46 8.53 6.54 -2.67
N GLN B 47 7.38 5.95 -2.99
CA GLN B 47 7.40 4.70 -3.76
C GLN B 47 7.88 4.99 -5.18
N LYS B 48 7.41 6.08 -5.77
CA LYS B 48 7.86 6.47 -7.09
C LYS B 48 9.26 7.08 -7.04
N ASP B 49 9.57 7.84 -6.00
CA ASP B 49 10.82 8.58 -5.92
C ASP B 49 11.85 7.78 -5.14
N LYS B 50 12.76 7.14 -5.87
CA LYS B 50 13.77 6.32 -5.23
C LYS B 50 14.69 7.15 -4.33
N GLU B 51 14.96 8.40 -4.71
CA GLU B 51 15.90 9.24 -3.99
C GLU B 51 15.29 9.81 -2.73
N TYR B 52 14.02 10.22 -2.81
CA TYR B 52 13.31 10.76 -1.65
C TYR B 52 13.20 9.69 -0.57
N MET B 53 12.97 8.45 -0.99
CA MET B 53 12.96 7.34 -0.05
C MET B 53 14.32 7.22 0.63
N GLU B 54 15.39 7.31 -0.16
CA GLU B 54 16.74 7.24 0.39
C GLU B 54 16.94 8.33 1.44
N ILE B 55 16.42 9.53 1.17
CA ILE B 55 16.56 10.63 2.12
C ILE B 55 15.71 10.37 3.36
N LEU B 56 14.52 9.82 3.17
CA LEU B 56 13.60 9.59 4.27
C LEU B 56 14.06 8.50 5.21
N ASN B 57 15.04 7.69 4.81
CA ASN B 57 15.57 6.71 5.75
C ASN B 57 16.79 7.21 6.48
N ASN B 58 17.43 8.25 5.98
CA ASN B 58 18.60 8.82 6.63
C ASN B 58 18.24 10.08 7.39
N THR B 59 16.96 10.41 7.46
CA THR B 59 16.61 11.50 8.35
C THR B 59 16.58 10.95 9.74
N ASP B 60 16.72 11.86 10.70
CA ASP B 60 16.91 11.46 12.08
C ASP B 60 15.59 11.18 12.79
N LEU B 61 14.52 11.87 12.38
CA LEU B 61 13.24 11.73 13.03
C LEU B 61 12.17 11.98 11.99
N ASN B 62 11.25 11.03 11.85
CA ASN B 62 10.11 11.14 10.93
C ASN B 62 8.84 11.13 11.74
N VAL B 63 8.27 12.31 11.93
CA VAL B 63 7.16 12.51 12.86
C VAL B 63 5.86 12.28 12.11
N PRO B 64 5.03 11.39 12.55
CA PRO B 64 3.84 11.02 11.78
C PRO B 64 2.89 12.19 11.65
N ASP B 65 2.74 12.69 10.44
CA ASP B 65 1.97 13.90 10.18
C ASP B 65 0.53 13.56 9.79
N GLY B 66 -0.43 13.90 10.66
CA GLY B 66 -1.82 13.94 10.24
C GLY B 66 -2.61 12.70 10.62
N SER B 67 -3.94 12.83 10.52
CA SER B 67 -4.85 11.74 10.86
C SER B 67 -4.82 10.62 9.83
N GLY B 68 -4.52 10.93 8.57
CA GLY B 68 -4.57 9.90 7.56
C GLY B 68 -3.56 8.80 7.83
N ILE B 69 -2.31 9.18 8.11
CA ILE B 69 -1.28 8.17 8.25
C ILE B 69 -1.53 7.32 9.47
N VAL B 70 -2.22 7.87 10.47
CA VAL B 70 -2.58 7.09 11.65
C VAL B 70 -3.62 6.04 11.29
N PHE B 71 -4.53 6.36 10.37
CA PHE B 71 -5.42 5.34 9.84
C PHE B 71 -4.64 4.19 9.23
N ALA B 72 -3.67 4.53 8.37
CA ALA B 72 -2.86 3.50 7.74
C ALA B 72 -2.13 2.66 8.75
N SER B 73 -1.68 3.26 9.86
CA SER B 73 -0.92 2.49 10.81
C SER B 73 -1.76 1.45 11.55
N LYS B 74 -3.08 1.45 11.37
CA LYS B 74 -3.96 0.46 11.98
C LYS B 74 -3.77 -0.96 11.43
N VAL B 75 -3.00 -1.15 10.37
CA VAL B 75 -2.75 -2.51 9.91
C VAL B 75 -1.78 -3.25 10.82
N PHE B 76 -0.94 -2.52 11.54
CA PHE B 76 0.17 -3.10 12.28
C PHE B 76 -0.22 -3.51 13.69
N LYS B 77 0.59 -4.42 14.23
CA LYS B 77 0.43 -4.81 15.62
C LYS B 77 0.63 -3.61 16.53
N LYS B 78 1.73 -2.85 16.31
CA LYS B 78 2.05 -1.65 17.10
C LYS B 78 1.64 -0.41 16.32
N PRO B 79 0.38 0.02 16.38
CA PRO B 79 -0.03 1.18 15.60
C PRO B 79 0.56 2.46 16.15
N LEU B 80 0.49 3.51 15.32
CA LEU B 80 0.99 4.82 15.71
C LEU B 80 0.10 5.38 16.82
N PRO B 81 0.67 5.91 17.89
CA PRO B 81 -0.15 6.23 19.07
C PRO B 81 -1.23 7.28 18.84
N GLU B 82 -0.90 8.47 18.33
CA GLU B 82 -1.88 9.55 18.25
C GLU B 82 -1.61 10.40 17.02
N ARG B 83 -2.62 11.19 16.64
CA ARG B 83 -2.55 12.13 15.52
C ARG B 83 -1.69 13.33 15.89
N VAL B 84 -0.51 13.45 15.28
CA VAL B 84 0.36 14.61 15.44
C VAL B 84 0.29 15.43 14.17
N ALA B 85 -0.01 16.72 14.31
CA ALA B 85 0.04 17.62 13.18
C ALA B 85 1.41 18.30 13.13
N GLY B 86 2.04 18.29 11.95
CA GLY B 86 3.36 18.87 11.84
C GLY B 86 3.42 20.35 12.14
N PHE B 87 2.31 21.07 11.95
CA PHE B 87 2.29 22.50 12.21
C PHE B 87 2.39 22.81 13.69
N ASP B 88 1.68 22.03 14.51
CA ASP B 88 1.76 22.17 15.96
C ASP B 88 3.14 21.82 16.47
N LEU B 89 3.71 20.71 15.98
CA LEU B 89 5.05 20.35 16.40
C LEU B 89 5.99 21.50 16.17
N MET B 90 5.81 22.21 15.06
CA MET B 90 6.65 23.37 14.80
C MET B 90 6.41 24.46 15.83
N LEU B 91 5.16 24.61 16.28
CA LEU B 91 4.83 25.65 17.24
C LEU B 91 5.15 25.21 18.67
N GLU B 92 4.73 24.01 19.06
CA GLU B 92 5.09 23.51 20.39
C GLU B 92 6.60 23.45 20.59
N PHE B 93 7.37 23.21 19.53
CA PHE B 93 8.83 23.22 19.64
C PHE B 93 9.37 24.63 19.78
N ILE B 94 8.87 25.56 18.98
CA ILE B 94 9.35 26.92 19.14
C ILE B 94 8.84 27.49 20.44
N LYS B 95 7.71 26.98 20.95
CA LYS B 95 7.21 27.42 22.26
C LYS B 95 8.29 27.26 23.32
N GLY B 96 8.96 26.11 23.34
CA GLY B 96 9.98 25.84 24.34
C GLY B 96 11.29 26.55 24.11
N ILE B 97 11.82 26.48 22.89
CA ILE B 97 13.13 27.08 22.64
C ILE B 97 13.07 28.59 22.54
N SER B 98 11.87 29.19 22.56
CA SER B 98 11.76 30.63 22.41
C SER B 98 12.26 31.36 23.63
N SER B 99 12.14 30.74 24.80
CA SER B 99 12.70 31.26 26.04
C SER B 99 14.21 31.03 26.12
N LYS B 100 14.66 29.82 25.80
CA LYS B 100 16.03 29.32 25.92
C LYS B 100 17.03 29.94 24.91
N GLY B 101 16.62 30.94 24.14
CA GLY B 101 17.53 31.67 23.28
C GLY B 101 18.23 30.86 22.21
N VAL B 102 17.50 29.97 21.54
CA VAL B 102 18.00 29.15 20.43
C VAL B 102 17.88 29.94 19.14
N LYS B 103 18.96 30.00 18.36
CA LYS B 103 18.98 30.85 17.17
C LYS B 103 18.29 30.18 15.98
N ILE B 104 17.27 30.85 15.42
CA ILE B 104 16.36 30.28 14.44
C ILE B 104 16.46 31.05 13.13
N TYR B 105 16.58 30.32 12.03
CA TYR B 105 16.51 30.90 10.70
C TYR B 105 15.31 30.33 9.97
N LEU B 106 14.59 31.20 9.25
CA LEU B 106 13.37 30.84 8.53
C LEU B 106 13.65 30.99 7.03
N LEU B 107 13.84 29.87 6.34
CA LEU B 107 14.07 29.86 4.91
C LEU B 107 12.88 29.27 4.17
N GLY B 108 12.35 30.02 3.18
CA GLY B 108 11.32 29.51 2.29
C GLY B 108 10.17 30.48 2.07
N ALA B 109 9.12 29.97 1.43
CA ALA B 109 7.84 30.66 1.23
C ALA B 109 7.93 31.82 0.24
N ALA B 110 6.78 32.28 -0.25
CA ALA B 110 6.80 33.33 -1.26
C ALA B 110 7.42 34.60 -0.69
N ALA B 111 7.63 35.56 -1.58
CA ALA B 111 8.39 36.75 -1.22
C ALA B 111 7.73 37.49 -0.10
N GLN B 112 8.53 37.88 0.91
CA GLN B 112 8.16 38.60 2.13
C GLN B 112 7.28 37.81 3.09
N VAL B 113 7.03 36.53 2.82
CA VAL B 113 6.19 35.74 3.74
C VAL B 113 6.97 35.35 4.99
N ALA B 114 8.22 34.91 4.83
CA ALA B 114 8.99 34.54 6.01
C ALA B 114 9.24 35.74 6.91
N GLU B 115 9.38 36.95 6.34
CA GLU B 115 9.53 38.12 7.21
C GLU B 115 8.23 38.39 7.92
N GLN B 116 7.11 38.05 7.29
CA GLN B 116 5.81 38.24 7.93
C GLN B 116 5.57 37.21 9.02
N ALA B 117 6.05 35.97 8.82
CA ALA B 117 5.96 34.95 9.85
C ALA B 117 6.89 35.24 11.03
N ARG B 118 8.04 35.86 10.79
CA ARG B 118 8.91 36.26 11.90
C ARG B 118 8.18 37.22 12.81
N ALA B 119 7.45 38.16 12.23
CA ALA B 119 6.75 39.13 13.05
C ALA B 119 5.68 38.48 13.88
N ASN B 120 4.94 37.55 13.31
CA ASN B 120 3.87 36.91 14.08
C ASN B 120 4.42 35.94 15.12
N LEU B 121 5.55 35.31 14.84
CA LEU B 121 6.15 34.42 15.82
C LEU B 121 6.70 35.24 16.98
N GLU B 122 7.31 36.38 16.67
CA GLU B 122 7.81 37.28 17.71
C GLU B 122 6.72 37.76 18.67
N LYS B 123 5.45 37.70 18.25
CA LYS B 123 4.33 38.02 19.12
C LYS B 123 3.87 36.78 19.87
N LEU B 124 3.56 35.70 19.16
CA LEU B 124 3.01 34.50 19.81
C LEU B 124 3.93 33.99 20.90
N TYR B 125 5.21 33.83 20.58
CA TYR B 125 6.22 33.37 21.53
C TYR B 125 7.20 34.52 21.65
N PRO B 126 6.98 35.45 22.59
CA PRO B 126 7.67 36.75 22.55
C PRO B 126 9.12 36.69 22.97
N GLY B 127 9.91 37.59 22.37
CA GLY B 127 11.34 37.65 22.60
C GLY B 127 12.12 36.56 21.92
N VAL B 128 11.48 35.82 21.03
CA VAL B 128 12.12 34.67 20.41
C VAL B 128 13.19 35.14 19.45
N LYS B 129 14.29 34.42 19.44
CA LYS B 129 15.49 34.79 18.67
C LYS B 129 15.41 34.17 17.28
N ILE B 130 14.92 34.95 16.31
CA ILE B 130 14.84 34.56 14.90
C ILE B 130 15.82 35.42 14.12
N VAL B 131 16.97 34.84 13.80
CA VAL B 131 18.11 35.60 13.29
C VAL B 131 17.99 35.99 11.81
N GLY B 132 17.18 35.31 11.01
CA GLY B 132 17.13 35.69 9.60
C GLY B 132 16.01 35.04 8.81
N THR B 133 15.72 35.64 7.67
CA THR B 133 14.72 35.11 6.76
C THR B 133 15.24 35.24 5.34
N HIS B 134 14.70 34.42 4.45
CA HIS B 134 14.94 34.57 3.03
C HIS B 134 13.84 33.78 2.31
N HIS B 135 13.39 34.30 1.16
CA HIS B 135 12.31 33.64 0.46
C HIS B 135 12.78 32.30 -0.09
N GLY B 136 11.82 31.52 -0.60
CA GLY B 136 12.10 30.17 -1.02
C GLY B 136 12.26 29.91 -2.50
N TYR B 137 12.49 30.97 -3.28
CA TYR B 137 12.51 30.88 -4.74
C TYR B 137 13.86 31.37 -5.27
N PHE B 138 14.90 30.58 -5.04
CA PHE B 138 16.26 30.95 -5.41
C PHE B 138 16.78 29.97 -6.44
N THR B 139 17.94 30.33 -6.99
CA THR B 139 18.66 29.56 -7.99
C THR B 139 19.80 28.75 -7.38
N GLU B 140 20.31 27.81 -8.18
CA GLU B 140 21.45 27.02 -7.75
C GLU B 140 22.65 27.91 -7.41
N GLU B 141 22.78 29.06 -8.07
CA GLU B 141 23.89 29.96 -7.78
C GLU B 141 23.74 30.62 -6.42
N GLU B 142 22.53 31.10 -6.11
CA GLU B 142 22.25 31.77 -4.84
C GLU B 142 22.45 30.83 -3.67
N GLU B 143 22.25 29.53 -3.90
CA GLU B 143 22.36 28.50 -2.87
C GLU B 143 23.53 28.77 -1.90
N ASN B 144 24.75 28.92 -2.44
CA ASN B 144 25.93 29.06 -1.58
C ASN B 144 25.97 30.40 -0.83
N LYS B 145 25.55 31.49 -1.47
CA LYS B 145 25.63 32.79 -0.79
C LYS B 145 24.68 32.83 0.40
N ILE B 146 23.50 32.20 0.26
CA ILE B 146 22.54 32.16 1.35
C ILE B 146 22.99 31.20 2.45
N ILE B 147 23.42 29.99 2.08
CA ILE B 147 23.92 29.06 3.09
C ILE B 147 25.07 29.69 3.85
N GLU B 148 25.92 30.43 3.15
CA GLU B 148 26.98 31.17 3.84
C GLU B 148 26.37 32.14 4.85
N GLU B 149 25.25 32.78 4.49
CA GLU B 149 24.55 33.67 5.42
C GLU B 149 23.86 32.90 6.55
N ILE B 150 23.32 31.72 6.27
CA ILE B 150 22.69 30.95 7.34
C ILE B 150 23.75 30.56 8.38
N ASN B 151 24.94 30.17 7.91
CA ASN B 151 26.01 29.79 8.82
C ASN B 151 26.55 30.99 9.60
N ASN B 152 26.76 32.13 8.92
CA ASN B 152 27.44 33.25 9.57
C ASN B 152 26.58 33.87 10.66
N LYS B 153 25.27 33.90 10.46
CA LYS B 153 24.38 34.41 11.49
C LYS B 153 24.15 33.42 12.63
N GLY B 154 24.79 32.26 12.59
CA GLY B 154 24.71 31.31 13.70
C GLY B 154 23.36 30.68 13.95
N ALA B 155 22.73 30.12 12.93
CA ALA B 155 21.46 29.42 13.14
C ALA B 155 21.71 28.07 13.78
N GLU B 156 21.00 27.79 14.86
CA GLU B 156 21.01 26.44 15.42
C GLU B 156 19.84 25.61 14.94
N VAL B 157 18.73 26.25 14.57
CA VAL B 157 17.53 25.59 14.10
C VAL B 157 17.18 26.27 12.79
N LEU B 158 17.05 25.48 11.72
CA LEU B 158 16.69 25.97 10.39
C LEU B 158 15.37 25.37 9.99
N PHE B 159 14.41 26.21 9.63
CA PHE B 159 13.08 25.79 9.17
C PHE B 159 13.04 25.99 7.67
N VAL B 160 13.03 24.91 6.90
CA VAL B 160 12.93 25.02 5.45
C VAL B 160 11.48 24.76 5.05
N ALA B 161 10.83 25.79 4.51
CA ALA B 161 9.42 25.73 4.11
C ALA B 161 9.35 25.88 2.60
N LEU B 162 9.72 24.80 1.92
CA LEU B 162 9.79 24.73 0.47
C LEU B 162 8.85 23.68 -0.13
N GLY B 163 8.04 23.00 0.68
CA GLY B 163 7.15 21.99 0.18
C GLY B 163 7.81 20.63 0.09
N ALA B 164 6.99 19.59 0.03
CA ALA B 164 7.64 18.29 -0.16
C ALA B 164 7.54 17.88 -1.62
N PRO B 165 8.58 17.24 -2.15
CA PRO B 165 9.80 16.84 -1.47
C PRO B 165 11.03 17.74 -1.60
N LYS B 166 10.83 18.94 -2.13
CA LYS B 166 11.92 19.88 -2.38
C LYS B 166 12.73 20.19 -1.12
N GLN B 167 12.08 20.24 0.05
CA GLN B 167 12.79 20.68 1.26
C GLN B 167 13.79 19.64 1.73
N GLU B 168 13.37 18.37 1.81
CA GLU B 168 14.27 17.33 2.27
C GLU B 168 15.37 17.06 1.27
N LYS B 169 15.08 17.28 -0.01
CA LYS B 169 16.12 17.07 -1.03
C LYS B 169 17.15 18.17 -0.97
N TRP B 170 16.74 19.39 -0.62
CA TRP B 170 17.67 20.50 -0.54
C TRP B 170 18.53 20.39 0.71
N ILE B 171 17.92 20.01 1.85
CA ILE B 171 18.71 19.77 3.05
C ILE B 171 19.71 18.65 2.80
N TYR B 172 19.26 17.55 2.19
CA TYR B 172 20.16 16.43 1.99
C TYR B 172 21.27 16.73 0.99
N LYS B 173 20.98 17.54 -0.04
CA LYS B 173 22.05 17.96 -0.95
C LYS B 173 23.06 18.82 -0.22
N ASN B 174 22.57 19.77 0.56
CA ASN B 174 23.43 20.64 1.35
C ASN B 174 23.62 20.09 2.75
N LYS B 175 23.57 18.76 2.89
CA LYS B 175 23.74 18.17 4.20
C LYS B 175 25.15 18.37 4.73
N ASP B 176 26.11 18.71 3.87
CA ASP B 176 27.47 18.99 4.31
C ASP B 176 27.82 20.47 4.30
N LYS B 177 27.14 21.26 3.48
CA LYS B 177 27.44 22.68 3.45
C LYS B 177 26.86 23.41 4.65
N LEU B 178 25.80 22.87 5.23
CA LEU B 178 25.05 23.55 6.27
C LEU B 178 25.61 23.27 7.64
N LYS B 179 25.68 24.32 8.47
CA LYS B 179 26.23 24.19 9.82
C LYS B 179 25.23 24.54 10.93
N VAL B 180 24.07 23.90 10.95
CA VAL B 180 23.11 24.13 12.03
C VAL B 180 22.86 22.82 12.76
N LYS B 181 22.08 22.85 13.84
CA LYS B 181 21.83 21.64 14.61
C LYS B 181 20.63 20.87 14.10
N ILE B 182 19.51 21.56 13.81
CA ILE B 182 18.29 20.93 13.30
C ILE B 182 17.85 21.63 12.03
N ALA B 183 17.66 20.87 10.96
CA ALA B 183 17.04 21.35 9.73
C ALA B 183 15.78 20.53 9.51
N MET B 184 14.62 21.19 9.64
CA MET B 184 13.32 20.54 9.58
C MET B 184 12.56 21.07 8.36
N GLY B 185 12.17 20.15 7.47
CA GLY B 185 11.21 20.50 6.44
C GLY B 185 9.85 20.80 7.07
N VAL B 186 9.29 21.98 6.74
CA VAL B 186 8.06 22.44 7.37
C VAL B 186 7.14 23.15 6.38
N GLY B 187 7.12 22.68 5.13
CA GLY B 187 6.46 23.41 4.05
C GLY B 187 5.09 24.01 4.27
N GLY B 188 4.89 25.25 3.83
CA GLY B 188 3.59 25.87 3.96
C GLY B 188 3.20 26.31 5.35
N SER B 189 4.00 26.04 6.36
CA SER B 189 3.68 26.60 7.66
C SER B 189 3.94 28.10 7.72
N PHE B 190 4.81 28.64 6.87
CA PHE B 190 4.95 30.10 6.88
C PHE B 190 3.69 30.75 6.32
N ASP B 191 3.08 30.16 5.29
CA ASP B 191 1.85 30.74 4.78
C ASP B 191 0.81 30.80 5.89
N VAL B 192 0.78 29.79 6.74
CA VAL B 192 -0.24 29.78 7.77
C VAL B 192 0.08 30.77 8.86
N ILE B 193 1.36 30.84 9.27
CA ILE B 193 1.77 31.66 10.40
C ILE B 193 1.66 33.14 10.06
N ALA B 194 2.05 33.51 8.83
CA ALA B 194 1.86 34.87 8.36
C ALA B 194 0.40 35.16 8.10
N GLY B 195 -0.45 34.18 8.22
CA GLY B 195 -1.85 34.43 8.04
C GLY B 195 -2.25 34.57 6.61
N LYS B 196 -1.33 34.33 5.68
CA LYS B 196 -1.63 34.39 4.24
C LYS B 196 -2.65 33.35 3.83
N VAL B 197 -2.81 32.28 4.61
CA VAL B 197 -3.61 31.10 4.27
C VAL B 197 -4.28 30.59 5.54
N LYS B 198 -5.60 30.32 5.50
CA LYS B 198 -6.27 29.85 6.72
C LYS B 198 -5.89 28.39 7.05
N ARG B 199 -5.88 28.07 8.33
CA ARG B 199 -5.47 26.75 8.76
C ARG B 199 -6.71 25.81 8.87
N MET C 1 -10.08 19.07 -10.31
CA MET C 1 -9.42 18.24 -11.32
C MET C 1 -8.43 17.26 -10.70
N GLU C 2 -8.28 17.36 -9.37
CA GLU C 2 -7.14 16.84 -8.63
C GLU C 2 -7.21 15.33 -8.43
N ARG C 3 -6.07 14.67 -8.62
CA ARG C 3 -5.99 13.22 -8.57
C ARG C 3 -5.33 12.79 -7.28
N LEU C 4 -5.44 11.52 -7.00
CA LEU C 4 -4.92 10.98 -5.76
C LEU C 4 -3.99 9.84 -6.17
N ASP C 5 -2.76 9.84 -5.64
CA ASP C 5 -1.79 8.82 -6.01
C ASP C 5 -2.02 7.65 -5.06
N ILE C 6 -2.65 6.61 -5.56
CA ILE C 6 -2.85 5.41 -4.75
C ILE C 6 -1.88 4.38 -5.28
N PHE C 7 -0.71 4.32 -4.65
CA PHE C 7 0.30 3.31 -4.96
C PHE C 7 0.69 3.33 -6.44
N GLY C 8 0.81 4.54 -6.99
CA GLY C 8 1.21 4.79 -8.36
C GLY C 8 0.09 5.08 -9.33
N VAL C 9 -1.14 4.65 -9.02
CA VAL C 9 -2.28 4.72 -9.93
C VAL C 9 -3.05 6.01 -9.62
N PRO C 10 -3.06 7.01 -10.51
CA PRO C 10 -3.83 8.25 -10.26
C PRO C 10 -5.33 8.04 -10.36
N ILE C 11 -6.03 8.36 -9.28
CA ILE C 11 -7.48 8.26 -9.20
C ILE C 11 -8.04 9.67 -9.11
N ASP C 12 -8.91 10.01 -10.05
CA ASP C 12 -9.52 11.33 -10.07
C ASP C 12 -10.63 11.42 -9.03
N ARG C 13 -10.62 12.50 -8.25
CA ARG C 13 -11.63 12.73 -7.22
C ARG C 13 -12.91 13.24 -7.86
N VAL C 14 -13.76 12.35 -8.33
CA VAL C 14 -14.99 12.78 -8.97
C VAL C 14 -16.17 12.15 -8.26
N THR C 15 -17.32 12.82 -8.33
CA THR C 15 -18.55 12.18 -7.89
C THR C 15 -19.21 11.48 -9.06
N MET C 16 -20.24 10.68 -8.74
CA MET C 16 -20.96 9.95 -9.79
C MET C 16 -21.43 10.89 -10.88
N ILE C 17 -22.01 12.02 -10.49
CA ILE C 17 -22.56 12.91 -11.50
C ILE C 17 -21.45 13.76 -12.12
N GLN C 18 -20.40 14.09 -11.34
CA GLN C 18 -19.27 14.82 -11.91
C GLN C 18 -18.56 14.03 -12.99
N ALA C 19 -18.47 12.72 -12.81
CA ALA C 19 -17.78 11.93 -13.81
C ALA C 19 -18.54 11.91 -15.12
N VAL C 20 -19.88 11.94 -15.08
CA VAL C 20 -20.63 11.95 -16.32
C VAL C 20 -20.41 13.25 -17.07
N ASP C 21 -20.15 14.34 -16.34
CA ASP C 21 -19.94 15.64 -16.98
C ASP C 21 -18.59 15.73 -17.65
N ILE C 22 -17.53 15.23 -16.99
CA ILE C 22 -16.21 15.16 -17.62
C ILE C 22 -16.30 14.36 -18.92
N LEU C 23 -17.09 13.28 -18.92
CA LEU C 23 -17.22 12.42 -20.08
C LEU C 23 -18.03 13.04 -21.21
N ASN C 24 -19.00 13.91 -20.89
CA ASN C 24 -19.71 14.60 -21.97
C ASN C 24 -18.77 15.57 -22.68
N ASN C 25 -17.97 16.30 -21.89
CA ASN C 25 -17.01 17.27 -22.41
C ASN C 25 -15.87 16.62 -23.22
N PHE C 26 -15.68 15.31 -23.15
CA PHE C 26 -14.65 14.67 -23.97
C PHE C 26 -15.09 14.60 -25.43
N LEU C 27 -16.39 14.46 -25.69
CA LEU C 27 -16.91 14.30 -27.03
C LEU C 27 -16.70 15.53 -27.92
N GLN C 28 -16.32 16.67 -27.36
CA GLN C 28 -16.12 17.89 -28.15
C GLN C 28 -14.75 17.96 -28.81
N GLU C 29 -13.80 17.09 -28.46
CA GLU C 29 -12.49 16.98 -29.10
C GLU C 29 -12.45 15.75 -30.02
N ASN C 30 -12.01 15.95 -31.28
CA ASN C 30 -11.89 14.86 -32.27
C ASN C 30 -10.57 14.12 -32.07
N ARG C 31 -10.46 13.46 -30.91
CA ARG C 31 -9.31 12.65 -30.59
C ARG C 31 -9.71 11.59 -29.58
N LEU C 32 -8.82 10.60 -29.40
CA LEU C 32 -9.06 9.48 -28.49
C LEU C 32 -8.79 9.88 -27.05
N HIS C 33 -9.81 9.77 -26.21
CA HIS C 33 -9.70 9.88 -24.76
C HIS C 33 -9.90 8.48 -24.22
N ILE C 34 -9.09 8.06 -23.25
CA ILE C 34 -9.14 6.70 -22.73
C ILE C 34 -9.60 6.73 -21.27
N VAL C 35 -10.71 6.04 -20.97
CA VAL C 35 -11.32 6.03 -19.63
C VAL C 35 -11.12 4.70 -18.93
N ALA C 36 -10.75 4.74 -17.65
CA ALA C 36 -10.64 3.55 -16.83
C ALA C 36 -11.45 3.73 -15.56
N THR C 37 -11.92 2.61 -14.98
CA THR C 37 -12.63 2.59 -13.69
C THR C 37 -11.90 1.65 -12.74
N PRO C 38 -10.83 2.11 -12.11
CA PRO C 38 -10.04 1.22 -11.26
C PRO C 38 -10.61 1.09 -9.87
N ASN C 39 -10.46 -0.11 -9.36
CA ASN C 39 -10.81 -0.48 -8.00
C ASN C 39 -9.56 -1.03 -7.33
N ALA C 40 -9.69 -1.36 -6.04
CA ALA C 40 -8.51 -1.77 -5.29
C ALA C 40 -7.75 -2.90 -5.99
N GLU C 41 -8.48 -3.89 -6.52
CA GLU C 41 -7.81 -5.06 -7.10
C GLU C 41 -6.98 -4.70 -8.31
N ILE C 42 -7.46 -3.72 -9.09
CA ILE C 42 -6.67 -3.21 -10.20
C ILE C 42 -5.43 -2.50 -9.69
N VAL C 43 -5.58 -1.69 -8.65
CA VAL C 43 -4.41 -1.05 -8.05
C VAL C 43 -3.44 -2.11 -7.58
N MET C 44 -3.96 -3.26 -7.12
CA MET C 44 -3.08 -4.38 -6.81
C MET C 44 -2.44 -4.95 -8.06
N MET C 45 -3.21 -5.02 -9.17
CA MET C 45 -2.66 -5.51 -10.44
C MET C 45 -1.50 -4.66 -10.93
N ALA C 46 -1.63 -3.34 -10.83
CA ALA C 46 -0.64 -2.41 -11.36
C ALA C 46 0.71 -2.53 -10.67
N GLN C 47 0.74 -3.03 -9.43
CA GLN C 47 2.01 -3.18 -8.72
C GLN C 47 2.88 -4.24 -9.38
N LYS C 48 2.27 -5.34 -9.83
CA LYS C 48 2.94 -6.43 -10.55
C LYS C 48 3.15 -6.13 -12.04
N ASP C 49 2.22 -5.39 -12.67
CA ASP C 49 2.23 -5.11 -14.11
C ASP C 49 2.85 -3.73 -14.37
N LYS C 50 4.08 -3.70 -14.88
CA LYS C 50 4.69 -2.41 -15.21
C LYS C 50 3.94 -1.72 -16.35
N GLU C 51 3.38 -2.48 -17.28
CA GLU C 51 2.71 -1.86 -18.42
C GLU C 51 1.33 -1.34 -18.02
N TYR C 52 0.61 -2.10 -17.19
CA TYR C 52 -0.71 -1.66 -16.74
C TYR C 52 -0.58 -0.35 -15.97
N MET C 53 0.48 -0.23 -15.17
CA MET C 53 0.74 1.01 -14.47
C MET C 53 0.98 2.16 -15.45
N GLU C 54 1.82 1.91 -16.45
CA GLU C 54 2.10 2.91 -17.47
C GLU C 54 0.82 3.36 -18.17
N ILE C 55 -0.10 2.45 -18.41
CA ILE C 55 -1.37 2.84 -19.04
C ILE C 55 -2.22 3.65 -18.07
N LEU C 56 -2.29 3.22 -16.81
CA LEU C 56 -3.16 3.87 -15.86
C LEU C 56 -2.67 5.26 -15.47
N ASN C 57 -1.42 5.60 -15.79
CA ASN C 57 -0.92 6.96 -15.60
C ASN C 57 -1.16 7.85 -16.80
N ASN C 58 -1.50 7.27 -17.95
CA ASN C 58 -1.77 8.03 -19.17
C ASN C 58 -3.22 7.99 -19.63
N THR C 59 -4.15 7.57 -18.79
CA THR C 59 -5.53 7.73 -19.18
C THR C 59 -6.00 9.16 -18.94
N ASP C 60 -7.11 9.50 -19.59
CA ASP C 60 -7.68 10.82 -19.42
C ASP C 60 -8.56 10.87 -18.18
N LEU C 61 -9.16 9.76 -17.80
CA LEU C 61 -10.04 9.75 -16.63
C LEU C 61 -10.05 8.39 -15.95
N ASN C 62 -9.77 8.38 -14.64
CA ASN C 62 -9.82 7.16 -13.86
C ASN C 62 -10.90 7.32 -12.79
N VAL C 63 -12.02 6.62 -12.96
CA VAL C 63 -13.14 6.81 -12.04
C VAL C 63 -13.08 5.79 -10.90
N PRO C 64 -13.10 6.21 -9.64
CA PRO C 64 -12.93 5.25 -8.53
C PRO C 64 -14.09 4.27 -8.40
N ASP C 65 -13.87 3.04 -8.81
CA ASP C 65 -14.93 2.05 -8.88
C ASP C 65 -15.02 1.27 -7.57
N GLY C 66 -16.16 1.38 -6.91
CA GLY C 66 -16.47 0.49 -5.81
C GLY C 66 -16.29 1.14 -4.46
N SER C 67 -16.87 0.48 -3.45
CA SER C 67 -16.83 0.95 -2.07
C SER C 67 -15.46 0.77 -1.45
N GLY C 68 -14.71 -0.25 -1.86
CA GLY C 68 -13.42 -0.53 -1.24
C GLY C 68 -12.37 0.55 -1.49
N ILE C 69 -12.23 0.99 -2.74
CA ILE C 69 -11.19 1.96 -3.04
C ILE C 69 -11.47 3.31 -2.39
N VAL C 70 -12.73 3.64 -2.11
CA VAL C 70 -13.02 4.86 -1.36
C VAL C 70 -12.60 4.68 0.09
N PHE C 71 -12.79 3.48 0.63
CA PHE C 71 -12.28 3.20 1.97
C PHE C 71 -10.78 3.41 2.06
N ALA C 72 -10.03 2.89 1.07
CA ALA C 72 -8.58 3.06 1.10
C ALA C 72 -8.15 4.52 1.06
N SER C 73 -8.95 5.39 0.42
CA SER C 73 -8.62 6.79 0.27
C SER C 73 -8.70 7.57 1.58
N LYS C 74 -9.25 6.98 2.64
CA LYS C 74 -9.35 7.69 3.92
C LYS C 74 -7.99 8.05 4.49
N VAL C 75 -6.90 7.54 3.92
CA VAL C 75 -5.58 7.95 4.38
C VAL C 75 -5.23 9.34 3.89
N PHE C 76 -5.91 9.83 2.84
CA PHE C 76 -5.55 11.11 2.25
C PHE C 76 -6.22 12.28 2.93
N LYS C 77 -5.62 13.47 2.72
CA LYS C 77 -6.16 14.69 3.32
C LYS C 77 -7.59 14.92 2.86
N LYS C 78 -7.80 14.96 1.54
CA LYS C 78 -9.10 15.14 0.89
C LYS C 78 -9.48 13.82 0.26
N PRO C 79 -10.11 12.92 1.00
CA PRO C 79 -10.43 11.60 0.47
C PRO C 79 -11.46 11.64 -0.66
N LEU C 80 -11.63 10.48 -1.28
CA LEU C 80 -12.54 10.35 -2.41
C LEU C 80 -13.98 10.63 -1.98
N PRO C 81 -14.74 11.38 -2.78
CA PRO C 81 -16.07 11.82 -2.34
C PRO C 81 -17.06 10.68 -2.10
N GLU C 82 -17.37 9.87 -3.13
CA GLU C 82 -18.41 8.87 -2.94
C GLU C 82 -18.09 7.63 -3.75
N ARG C 83 -18.81 6.57 -3.40
CA ARG C 83 -18.74 5.31 -4.12
C ARG C 83 -19.30 5.54 -5.50
N VAL C 84 -18.45 5.42 -6.51
CA VAL C 84 -18.91 5.41 -7.87
C VAL C 84 -18.85 3.96 -8.30
N ALA C 85 -19.97 3.43 -8.78
CA ALA C 85 -19.94 2.10 -9.38
C ALA C 85 -19.68 2.29 -10.86
N GLY C 86 -18.68 1.57 -11.38
CA GLY C 86 -18.37 1.71 -12.78
C GLY C 86 -19.54 1.26 -13.66
N PHE C 87 -20.35 0.36 -13.13
CA PHE C 87 -21.56 -0.09 -13.84
C PHE C 87 -22.63 1.00 -13.85
N ASP C 88 -22.82 1.69 -12.72
CA ASP C 88 -23.73 2.82 -12.66
C ASP C 88 -23.28 3.93 -13.59
N LEU C 89 -21.99 4.29 -13.54
CA LEU C 89 -21.45 5.33 -14.39
C LEU C 89 -21.62 5.01 -15.87
N MET C 90 -21.49 3.73 -16.25
CA MET C 90 -21.67 3.42 -17.68
C MET C 90 -23.12 3.63 -18.13
N LEU C 91 -24.10 3.33 -17.27
CA LEU C 91 -25.50 3.50 -17.65
C LEU C 91 -25.96 4.95 -17.49
N GLU C 92 -25.61 5.60 -16.38
CA GLU C 92 -25.91 7.03 -16.21
C GLU C 92 -25.36 7.83 -17.41
N PHE C 93 -24.26 7.37 -18.00
CA PHE C 93 -23.75 8.00 -19.23
C PHE C 93 -24.62 7.66 -20.43
N ILE C 94 -24.98 6.37 -20.57
CA ILE C 94 -25.79 5.95 -21.71
C ILE C 94 -27.23 6.46 -21.59
N LYS C 95 -27.72 6.69 -20.37
CA LYS C 95 -29.01 7.33 -20.20
C LYS C 95 -29.05 8.64 -20.99
N GLY C 96 -28.00 9.44 -20.88
CA GLY C 96 -27.90 10.74 -21.50
C GLY C 96 -27.61 10.79 -23.00
N ILE C 97 -26.66 9.98 -23.49
CA ILE C 97 -26.21 10.11 -24.86
C ILE C 97 -27.18 9.58 -25.89
N SER C 98 -28.23 8.86 -25.46
CA SER C 98 -29.17 8.27 -26.41
C SER C 98 -30.02 9.33 -27.11
N SER C 99 -30.15 10.53 -26.53
CA SER C 99 -30.80 11.64 -27.22
C SER C 99 -29.92 12.27 -28.29
N LYS C 100 -28.67 12.60 -27.97
CA LYS C 100 -27.81 13.26 -28.95
C LYS C 100 -27.29 12.32 -30.05
N GLY C 101 -27.63 11.04 -29.99
CA GLY C 101 -27.35 10.10 -31.07
C GLY C 101 -25.91 9.92 -31.47
N VAL C 102 -24.97 9.88 -30.52
CA VAL C 102 -23.59 9.61 -30.90
C VAL C 102 -23.43 8.11 -31.00
N LYS C 103 -22.80 7.67 -32.08
CA LYS C 103 -22.79 6.24 -32.38
C LYS C 103 -21.90 5.50 -31.39
N ILE C 104 -22.44 4.41 -30.84
CA ILE C 104 -21.79 3.64 -29.78
C ILE C 104 -21.60 2.23 -30.30
N TYR C 105 -20.38 1.69 -30.12
CA TYR C 105 -20.03 0.34 -30.54
C TYR C 105 -19.73 -0.53 -29.32
N LEU C 106 -20.19 -1.78 -29.36
CA LEU C 106 -20.06 -2.72 -28.25
C LEU C 106 -19.11 -3.84 -28.67
N LEU C 107 -17.86 -3.79 -28.21
CA LEU C 107 -16.86 -4.81 -28.54
C LEU C 107 -16.56 -5.65 -27.32
N GLY C 108 -16.73 -6.95 -27.44
CA GLY C 108 -16.29 -7.85 -26.40
C GLY C 108 -17.32 -8.92 -26.12
N ALA C 109 -17.07 -9.65 -25.03
CA ALA C 109 -17.98 -10.64 -24.47
C ALA C 109 -18.12 -11.87 -25.36
N ALA C 110 -18.66 -12.95 -24.80
CA ALA C 110 -18.87 -14.17 -25.54
C ALA C 110 -19.90 -13.95 -26.65
N ALA C 111 -20.06 -14.98 -27.48
CA ALA C 111 -20.87 -14.89 -28.68
C ALA C 111 -22.34 -14.56 -28.36
N GLN C 112 -22.91 -13.65 -29.14
CA GLN C 112 -24.29 -13.16 -29.04
C GLN C 112 -24.57 -12.38 -27.77
N VAL C 113 -23.55 -12.08 -26.96
CA VAL C 113 -23.76 -11.27 -25.77
C VAL C 113 -23.81 -9.79 -26.10
N ALA C 114 -22.88 -9.32 -26.95
CA ALA C 114 -22.92 -7.92 -27.37
C ALA C 114 -24.17 -7.63 -28.18
N GLU C 115 -24.69 -8.62 -28.92
CA GLU C 115 -25.97 -8.48 -29.59
C GLU C 115 -27.16 -8.59 -28.64
N GLN C 116 -27.08 -9.42 -27.60
CA GLN C 116 -28.19 -9.54 -26.65
C GLN C 116 -28.25 -8.31 -25.75
N ALA C 117 -27.09 -7.79 -25.36
CA ALA C 117 -27.08 -6.55 -24.58
C ALA C 117 -27.43 -5.34 -25.45
N ARG C 118 -27.00 -5.33 -26.72
CA ARG C 118 -27.36 -4.23 -27.62
C ARG C 118 -28.86 -4.20 -27.87
N ALA C 119 -29.47 -5.37 -28.07
CA ALA C 119 -30.92 -5.40 -28.23
C ALA C 119 -31.59 -4.89 -26.98
N ASN C 120 -31.06 -5.31 -25.81
CA ASN C 120 -31.56 -4.79 -24.54
C ASN C 120 -31.22 -3.31 -24.35
N LEU C 121 -30.09 -2.87 -24.93
CA LEU C 121 -29.72 -1.46 -24.85
C LEU C 121 -30.60 -0.59 -25.74
N GLU C 122 -30.87 -1.02 -26.96
CA GLU C 122 -31.78 -0.27 -27.82
C GLU C 122 -33.16 -0.15 -27.19
N LYS C 123 -33.49 -1.04 -26.26
CA LYS C 123 -34.76 -1.04 -25.52
C LYS C 123 -34.73 -0.18 -24.26
N LEU C 124 -33.78 -0.44 -23.36
CA LEU C 124 -33.77 0.22 -22.04
C LEU C 124 -33.77 1.74 -22.15
N TYR C 125 -32.89 2.29 -22.98
CA TYR C 125 -32.84 3.73 -23.25
C TYR C 125 -33.18 3.87 -24.72
N PRO C 126 -34.45 4.13 -25.07
CA PRO C 126 -34.88 3.97 -26.46
C PRO C 126 -34.26 5.04 -27.34
N GLY C 127 -33.97 4.64 -28.58
CA GLY C 127 -33.24 5.49 -29.50
C GLY C 127 -31.73 5.49 -29.35
N VAL C 128 -31.16 4.51 -28.63
CA VAL C 128 -29.71 4.45 -28.50
C VAL C 128 -29.12 3.92 -29.80
N LYS C 129 -28.05 4.54 -30.28
CA LYS C 129 -27.44 4.25 -31.57
C LYS C 129 -26.35 3.19 -31.40
N ILE C 130 -26.67 1.92 -31.70
CA ILE C 130 -25.71 0.83 -31.59
C ILE C 130 -25.33 0.40 -33.00
N VAL C 131 -24.23 0.94 -33.49
CA VAL C 131 -23.84 0.80 -34.89
C VAL C 131 -23.20 -0.57 -35.18
N GLY C 132 -22.63 -1.23 -34.17
CA GLY C 132 -21.96 -2.50 -34.41
C GLY C 132 -21.59 -3.22 -33.14
N THR C 133 -21.33 -4.51 -33.28
CA THR C 133 -20.88 -5.37 -32.19
C THR C 133 -19.85 -6.36 -32.72
N HIS C 134 -19.05 -6.90 -31.79
CA HIS C 134 -18.12 -7.99 -32.09
C HIS C 134 -17.75 -8.68 -30.77
N HIS C 135 -17.55 -9.99 -30.84
CA HIS C 135 -17.18 -10.76 -29.67
C HIS C 135 -15.74 -10.43 -29.25
N GLY C 136 -15.35 -10.90 -28.07
CA GLY C 136 -14.04 -10.60 -27.54
C GLY C 136 -13.01 -11.67 -27.76
N TYR C 137 -13.26 -12.63 -28.65
CA TYR C 137 -12.38 -13.77 -28.83
C TYR C 137 -11.90 -13.78 -30.28
N PHE C 138 -11.07 -12.80 -30.62
CA PHE C 138 -10.56 -12.65 -31.97
C PHE C 138 -9.04 -12.75 -31.92
N THR C 139 -8.44 -12.91 -33.08
CA THR C 139 -6.99 -13.05 -33.20
C THR C 139 -6.36 -11.71 -33.56
N GLU C 140 -5.03 -11.64 -33.50
CA GLU C 140 -4.34 -10.42 -33.92
C GLU C 140 -4.76 -10.02 -35.33
N GLU C 141 -5.11 -11.03 -36.15
CA GLU C 141 -5.57 -10.81 -37.52
C GLU C 141 -6.95 -10.15 -37.58
N GLU C 142 -7.92 -10.68 -36.83
CA GLU C 142 -9.27 -10.12 -36.87
C GLU C 142 -9.28 -8.69 -36.36
N GLU C 143 -8.35 -8.37 -35.45
CA GLU C 143 -8.16 -7.02 -34.92
C GLU C 143 -8.24 -5.95 -36.02
N ASN C 144 -7.52 -6.15 -37.12
CA ASN C 144 -7.47 -5.12 -38.16
C ASN C 144 -8.84 -4.86 -38.77
N LYS C 145 -9.62 -5.93 -39.01
CA LYS C 145 -10.96 -5.78 -39.58
C LYS C 145 -11.93 -5.15 -38.60
N ILE C 146 -11.84 -5.53 -37.32
CA ILE C 146 -12.75 -4.99 -36.31
C ILE C 146 -12.43 -3.52 -36.07
N ILE C 147 -11.14 -3.20 -35.92
CA ILE C 147 -10.73 -1.80 -35.79
C ILE C 147 -11.13 -1.01 -37.04
N GLU C 148 -10.95 -1.59 -38.22
CA GLU C 148 -11.39 -0.93 -39.45
C GLU C 148 -12.90 -0.70 -39.45
N GLU C 149 -13.67 -1.68 -38.97
CA GLU C 149 -15.13 -1.52 -38.90
C GLU C 149 -15.54 -0.46 -37.87
N ILE C 150 -14.86 -0.40 -36.73
CA ILE C 150 -15.19 0.60 -35.72
C ILE C 150 -14.89 2.00 -36.23
N ASN C 151 -13.77 2.17 -36.95
CA ASN C 151 -13.36 3.50 -37.40
C ASN C 151 -14.34 4.08 -38.42
N ASN C 152 -14.70 3.29 -39.42
CA ASN C 152 -15.52 3.80 -40.51
C ASN C 152 -17.00 3.88 -40.15
N LYS C 153 -17.49 3.00 -39.26
CA LYS C 153 -18.90 3.03 -38.87
C LYS C 153 -19.28 4.27 -38.05
N GLY C 154 -18.34 5.22 -37.91
CA GLY C 154 -18.58 6.50 -37.28
C GLY C 154 -18.90 6.41 -35.81
N ALA C 155 -18.12 5.63 -35.08
CA ALA C 155 -18.29 5.53 -33.63
C ALA C 155 -17.71 6.77 -32.96
N GLU C 156 -18.47 7.36 -32.04
CA GLU C 156 -17.92 8.38 -31.16
C GLU C 156 -17.45 7.80 -29.83
N VAL C 157 -18.02 6.67 -29.41
CA VAL C 157 -17.67 6.01 -28.16
C VAL C 157 -17.54 4.50 -28.39
N LEU C 158 -16.44 3.92 -27.92
CA LEU C 158 -16.16 2.48 -28.00
C LEU C 158 -16.16 1.90 -26.60
N PHE C 159 -16.92 0.82 -26.40
CA PHE C 159 -16.98 0.11 -25.12
C PHE C 159 -16.23 -1.21 -25.26
N VAL C 160 -15.06 -1.31 -24.65
CA VAL C 160 -14.25 -2.50 -24.72
C VAL C 160 -14.55 -3.29 -23.46
N ALA C 161 -15.19 -4.44 -23.61
CA ALA C 161 -15.56 -5.28 -22.47
C ALA C 161 -14.83 -6.60 -22.58
N LEU C 162 -13.52 -6.58 -22.32
CA LEU C 162 -12.70 -7.77 -22.35
C LEU C 162 -12.13 -8.13 -20.98
N GLY C 163 -12.43 -7.35 -19.95
CA GLY C 163 -11.91 -7.56 -18.61
C GLY C 163 -10.59 -6.85 -18.37
N ALA C 164 -10.24 -6.68 -17.09
CA ALA C 164 -8.96 -6.03 -16.85
C ALA C 164 -7.87 -7.05 -16.53
N PRO C 165 -6.63 -6.84 -17.02
CA PRO C 165 -6.18 -5.68 -17.80
C PRO C 165 -6.19 -5.90 -19.28
N LYS C 166 -6.82 -6.99 -19.75
CA LYS C 166 -6.82 -7.21 -21.19
C LYS C 166 -7.43 -6.03 -21.92
N GLN C 167 -8.48 -5.41 -21.35
CA GLN C 167 -9.21 -4.33 -22.04
C GLN C 167 -8.42 -3.03 -22.08
N GLU C 168 -7.86 -2.60 -20.95
CA GLU C 168 -7.12 -1.35 -21.00
C GLU C 168 -5.86 -1.51 -21.85
N LYS C 169 -5.34 -2.73 -21.94
CA LYS C 169 -4.16 -2.97 -22.77
C LYS C 169 -4.52 -2.97 -24.23
N TRP C 170 -5.73 -3.44 -24.58
CA TRP C 170 -6.15 -3.49 -25.98
C TRP C 170 -6.40 -2.09 -26.55
N ILE C 171 -7.06 -1.22 -25.79
CA ILE C 171 -7.19 0.18 -26.19
C ILE C 171 -5.82 0.81 -26.32
N TYR C 172 -4.94 0.60 -25.35
CA TYR C 172 -3.69 1.33 -25.37
C TYR C 172 -2.77 0.90 -26.50
N LYS C 173 -2.81 -0.38 -26.88
CA LYS C 173 -2.02 -0.85 -28.02
C LYS C 173 -2.50 -0.20 -29.31
N ASN C 174 -3.82 -0.16 -29.52
CA ASN C 174 -4.43 0.50 -30.66
C ASN C 174 -4.87 1.92 -30.31
N LYS C 175 -4.14 2.59 -29.42
CA LYS C 175 -4.52 3.94 -29.02
C LYS C 175 -4.39 4.93 -30.17
N ASP C 176 -3.65 4.55 -31.21
CA ASP C 176 -3.54 5.35 -32.43
C ASP C 176 -4.29 4.75 -33.62
N LYS C 177 -4.58 3.45 -33.59
CA LYS C 177 -5.44 2.79 -34.57
C LYS C 177 -6.93 3.11 -34.34
N LEU C 178 -7.31 3.55 -33.13
CA LEU C 178 -8.71 3.92 -32.86
C LEU C 178 -8.92 5.40 -33.17
N LYS C 179 -10.02 5.69 -33.86
CA LYS C 179 -10.42 7.04 -34.27
C LYS C 179 -11.78 7.43 -33.68
N VAL C 180 -11.92 7.27 -32.36
CA VAL C 180 -13.15 7.57 -31.63
C VAL C 180 -12.90 8.66 -30.59
N LYS C 181 -13.96 9.06 -29.88
CA LYS C 181 -13.83 10.15 -28.92
C LYS C 181 -13.54 9.65 -27.51
N ILE C 182 -14.24 8.61 -27.06
CA ILE C 182 -14.01 8.00 -25.75
C ILE C 182 -13.95 6.49 -25.90
N ALA C 183 -12.86 5.88 -25.42
CA ALA C 183 -12.72 4.44 -25.35
C ALA C 183 -12.61 4.01 -23.89
N MET C 184 -13.63 3.30 -23.40
CA MET C 184 -13.72 2.94 -21.99
C MET C 184 -13.77 1.43 -21.83
N GLY C 185 -12.76 0.88 -21.14
CA GLY C 185 -12.84 -0.51 -20.72
C GLY C 185 -13.94 -0.67 -19.70
N VAL C 186 -14.83 -1.63 -19.93
CA VAL C 186 -16.00 -1.85 -19.08
C VAL C 186 -16.30 -3.33 -18.90
N GLY C 187 -15.25 -4.16 -18.86
CA GLY C 187 -15.35 -5.60 -18.89
C GLY C 187 -16.44 -6.23 -18.02
N GLY C 188 -17.13 -7.22 -18.56
CA GLY C 188 -18.14 -7.93 -17.79
C GLY C 188 -19.39 -7.14 -17.51
N SER C 189 -19.43 -5.86 -17.85
CA SER C 189 -20.68 -5.11 -17.78
C SER C 189 -21.63 -5.51 -18.90
N PHE C 190 -21.12 -6.09 -20.00
CA PHE C 190 -21.99 -6.63 -21.05
C PHE C 190 -22.76 -7.85 -20.55
N ASP C 191 -22.12 -8.70 -19.75
CA ASP C 191 -22.75 -9.91 -19.23
C ASP C 191 -23.99 -9.58 -18.41
N VAL C 192 -23.94 -8.48 -17.67
CA VAL C 192 -25.02 -8.13 -16.76
C VAL C 192 -26.26 -7.70 -17.52
N ILE C 193 -26.09 -7.03 -18.66
CA ILE C 193 -27.21 -6.43 -19.39
C ILE C 193 -28.13 -7.49 -19.98
N ALA C 194 -27.55 -8.49 -20.65
CA ALA C 194 -28.35 -9.61 -21.14
C ALA C 194 -28.76 -10.57 -20.03
N GLY C 195 -28.30 -10.35 -18.81
CA GLY C 195 -28.63 -11.20 -17.68
C GLY C 195 -27.85 -12.49 -17.63
#